data_1HY7
#
_entry.id   1HY7
#
_cell.length_a   37.918
_cell.length_b   78.059
_cell.length_c   105.801
_cell.angle_alpha   90.00
_cell.angle_beta   90.00
_cell.angle_gamma   90.00
#
_symmetry.space_group_name_H-M   'P 21 21 21'
#
loop_
_entity.id
_entity.type
_entity.pdbx_description
1 polymer STROMELYSIN-1
2 non-polymer 'ZINC ION'
3 non-polymer 'CALCIUM ION'
4 non-polymer "R-2-{[4'-METHOXY-(1,1'-BIPHENYL)-4-YL]-SULFONYL}-AMINO-6-METHOXY-HEX-4-YNOIC ACID"
5 water water
#
_entity_poly.entity_id   1
_entity_poly.type   'polypeptide(L)'
_entity_poly.pdbx_seq_one_letter_code
;FRTFPGIPKWRKTHLTYRIVNYTPDLPKDAVDSAVEKALKVWEEVTPLTFSRLYEGEADIMISFAVREHGDFYPFDGPGN
VLAHAYAPGPGINGDAHFDDDEQWTKDTTGTNLFLVAAHEIGHSLGLFHSANTEALMYPLYHSLTDLTRFRLSQDDINGI
QSLYGPPPDSPET
;
_entity_poly.pdbx_strand_id   A,B
#
loop_
_chem_comp.id
_chem_comp.type
_chem_comp.name
_chem_comp.formula
CA non-polymer 'CALCIUM ION' 'Ca 2'
MBS non-polymer 'R-2-{[4'-METHOXY-(1,1'-BIPHENYL)-4-YL]-SULFONYL}-AMINO-6-METHOXY-HEX-4-YNOIC ACID' 'C20 H21 N O6 S'
ZN non-polymer 'ZINC ION' 'Zn 2'
#
# COMPACT_ATOMS: atom_id res chain seq x y z
N PHE A 1 16.47 -28.97 8.56
CA PHE A 1 15.36 -28.17 7.92
C PHE A 1 14.04 -28.77 8.36
N ARG A 2 12.93 -28.01 8.21
CA ARG A 2 11.59 -28.53 8.48
C ARG A 2 10.62 -28.18 7.37
N THR A 3 9.68 -29.08 7.00
CA THR A 3 8.57 -28.66 6.15
C THR A 3 7.27 -28.36 6.93
N PHE A 4 6.19 -27.98 6.23
CA PHE A 4 4.92 -27.74 6.93
C PHE A 4 4.12 -29.05 7.04
N PRO A 5 3.21 -29.16 8.00
CA PRO A 5 2.45 -30.41 8.20
C PRO A 5 1.66 -30.77 6.94
N GLY A 6 1.76 -32.03 6.48
CA GLY A 6 1.09 -32.44 5.26
C GLY A 6 1.94 -32.12 4.06
N ILE A 7 3.10 -31.51 4.31
CA ILE A 7 4.06 -31.11 3.28
C ILE A 7 3.42 -30.40 2.06
N PRO A 8 2.73 -29.30 2.32
CA PRO A 8 2.17 -28.56 1.20
C PRO A 8 3.31 -28.08 0.30
N LYS A 9 3.21 -28.36 -0.99
CA LYS A 9 4.20 -27.83 -1.91
C LYS A 9 3.51 -27.41 -3.19
N TRP A 10 4.12 -26.53 -3.95
CA TRP A 10 3.55 -26.13 -5.23
C TRP A 10 3.64 -27.36 -6.13
N ARG A 11 2.58 -27.57 -6.91
CA ARG A 11 2.57 -28.74 -7.78
C ARG A 11 3.10 -28.44 -9.17
N LYS A 12 3.51 -27.20 -9.41
CA LYS A 12 4.05 -26.80 -10.71
C LYS A 12 5.36 -26.14 -10.41
N THR A 13 6.19 -26.04 -11.44
CA THR A 13 7.51 -25.48 -11.31
C THR A 13 7.60 -24.01 -11.65
N HIS A 14 6.68 -23.49 -12.46
CA HIS A 14 6.72 -22.08 -12.79
C HIS A 14 5.73 -21.30 -11.93
N LEU A 15 6.28 -20.38 -11.14
CA LEU A 15 5.44 -19.61 -10.20
C LEU A 15 5.45 -18.14 -10.55
N THR A 16 4.33 -17.48 -10.35
CA THR A 16 4.28 -16.06 -10.57
C THR A 16 4.32 -15.29 -9.29
N TYR A 17 4.85 -14.07 -9.37
CA TYR A 17 4.81 -13.17 -8.23
C TYR A 17 4.38 -11.79 -8.69
N ARG A 18 3.87 -10.99 -7.74
CA ARG A 18 3.44 -9.64 -8.04
C ARG A 18 3.75 -8.76 -6.88
N ILE A 19 4.34 -7.57 -7.13
CA ILE A 19 4.64 -6.65 -6.04
C ILE A 19 3.47 -5.67 -6.05
N VAL A 20 2.59 -5.83 -5.08
CA VAL A 20 1.31 -5.13 -5.00
C VAL A 20 1.38 -3.67 -4.61
N ASN A 21 2.33 -3.34 -3.75
CA ASN A 21 2.55 -1.97 -3.31
C ASN A 21 3.97 -1.78 -2.89
N TYR A 22 4.31 -0.53 -2.56
CA TYR A 22 5.69 -0.17 -2.31
C TYR A 22 5.83 0.63 -1.04
N THR A 23 6.89 0.32 -0.29
CA THR A 23 7.19 1.04 0.94
C THR A 23 7.72 2.47 0.67
N PRO A 24 7.40 3.40 1.57
CA PRO A 24 8.04 4.71 1.49
C PRO A 24 9.52 4.65 1.80
N ASP A 25 10.03 3.57 2.38
CA ASP A 25 11.39 3.57 2.91
C ASP A 25 12.47 3.54 1.87
N LEU A 26 12.12 3.06 0.70
CA LEU A 26 13.12 2.75 -0.34
C LEU A 26 12.65 3.17 -1.70
N PRO A 27 13.61 3.44 -2.60
CA PRO A 27 13.24 3.63 -4.01
C PRO A 27 12.55 2.34 -4.51
N LYS A 28 11.62 2.46 -5.45
CA LYS A 28 10.92 1.28 -5.97
C LYS A 28 11.92 0.27 -6.57
N ASP A 29 12.95 0.75 -7.27
CA ASP A 29 13.88 -0.20 -7.84
C ASP A 29 14.64 -1.05 -6.81
N ALA A 30 14.79 -0.54 -5.56
CA ALA A 30 15.47 -1.28 -4.50
C ALA A 30 14.55 -2.36 -3.97
N VAL A 31 13.26 -2.09 -3.98
CA VAL A 31 12.28 -3.13 -3.61
C VAL A 31 12.27 -4.22 -4.67
N ASP A 32 12.23 -3.83 -5.93
CA ASP A 32 12.18 -4.83 -6.99
C ASP A 32 13.45 -5.65 -6.97
N SER A 33 14.59 -4.96 -6.80
CA SER A 33 15.85 -5.68 -6.78
C SER A 33 15.92 -6.70 -5.66
N ALA A 34 15.51 -6.31 -4.45
CA ALA A 34 15.60 -7.18 -3.30
C ALA A 34 14.70 -8.40 -3.51
N VAL A 35 13.50 -8.17 -4.04
CA VAL A 35 12.59 -9.30 -4.33
C VAL A 35 13.17 -10.24 -5.39
N GLU A 36 13.67 -9.69 -6.48
CA GLU A 36 14.24 -10.53 -7.54
C GLU A 36 15.38 -11.35 -6.98
N LYS A 37 16.23 -10.72 -6.17
CA LYS A 37 17.39 -11.43 -5.62
C LYS A 37 16.94 -12.53 -4.70
N ALA A 38 15.86 -12.25 -3.95
CA ALA A 38 15.37 -13.24 -3.01
C ALA A 38 14.81 -14.47 -3.74
N LEU A 39 14.12 -14.23 -4.83
CA LEU A 39 13.60 -15.34 -5.61
C LEU A 39 14.79 -16.15 -6.23
N LYS A 40 15.83 -15.45 -6.65
CA LYS A 40 16.95 -16.12 -7.32
C LYS A 40 17.66 -17.06 -6.38
N VAL A 41 17.71 -16.70 -5.10
CA VAL A 41 18.34 -17.57 -4.14
C VAL A 41 17.79 -19.00 -4.26
N TRP A 42 16.48 -19.11 -4.41
CA TRP A 42 15.84 -20.42 -4.43
C TRP A 42 15.81 -21.02 -5.85
N GLU A 43 15.66 -20.17 -6.84
CA GLU A 43 15.67 -20.60 -8.23
C GLU A 43 16.99 -21.32 -8.53
N GLU A 44 18.09 -20.82 -7.97
CA GLU A 44 19.44 -21.34 -8.28
C GLU A 44 19.64 -22.76 -7.85
N VAL A 45 18.83 -23.22 -6.91
CA VAL A 45 19.09 -24.55 -6.36
C VAL A 45 17.93 -25.50 -6.51
N THR A 46 16.99 -25.18 -7.40
CA THR A 46 15.83 -26.03 -7.69
C THR A 46 15.49 -25.87 -9.16
N PRO A 47 14.50 -26.62 -9.63
CA PRO A 47 13.94 -26.38 -10.98
C PRO A 47 12.88 -25.30 -11.00
N LEU A 48 12.61 -24.62 -9.87
CA LEU A 48 11.62 -23.57 -9.91
C LEU A 48 12.00 -22.39 -10.78
N THR A 49 11.02 -21.82 -11.47
CA THR A 49 11.27 -20.59 -12.22
C THR A 49 10.18 -19.60 -11.87
N PHE A 50 10.46 -18.31 -12.08
CA PHE A 50 9.52 -17.27 -11.67
C PHE A 50 9.31 -16.24 -12.74
N SER A 51 8.10 -15.71 -12.77
CA SER A 51 7.84 -14.57 -13.65
C SER A 51 6.94 -13.59 -12.95
N ARG A 52 7.05 -12.32 -13.34
CA ARG A 52 6.33 -11.28 -12.63
C ARG A 52 5.03 -10.86 -13.33
N LEU A 53 3.98 -10.61 -12.56
CA LEU A 53 2.69 -10.09 -13.06
C LEU A 53 2.50 -8.70 -12.50
N TYR A 54 1.77 -7.87 -13.24
CA TYR A 54 1.40 -6.52 -12.80
C TYR A 54 -0.11 -6.35 -12.63
N GLU A 55 -0.86 -7.42 -12.82
CA GLU A 55 -2.30 -7.39 -12.66
C GLU A 55 -2.71 -8.82 -12.44
N GLY A 56 -3.89 -9.01 -11.89
CA GLY A 56 -4.38 -10.35 -11.62
C GLY A 56 -3.72 -10.96 -10.41
N GLU A 57 -4.02 -12.25 -10.20
CA GLU A 57 -3.55 -12.95 -9.03
C GLU A 57 -2.30 -13.75 -9.35
N ALA A 58 -1.19 -13.35 -8.77
CA ALA A 58 0.03 -14.13 -8.93
C ALA A 58 0.01 -15.12 -7.79
N ASP A 59 0.78 -16.20 -7.93
CA ASP A 59 0.87 -17.18 -6.87
C ASP A 59 1.37 -16.53 -5.58
N ILE A 60 2.44 -15.75 -5.69
CA ILE A 60 3.04 -15.10 -4.54
C ILE A 60 2.75 -13.62 -4.67
N MET A 61 1.75 -13.16 -3.92
CA MET A 61 1.44 -11.74 -3.87
C MET A 61 2.25 -11.14 -2.73
N ILE A 62 3.00 -10.09 -3.05
CA ILE A 62 3.90 -9.44 -2.07
C ILE A 62 3.43 -8.05 -1.75
N SER A 63 3.33 -7.71 -0.47
CA SER A 63 2.90 -6.37 -0.11
C SER A 63 3.47 -5.91 1.22
N PHE A 64 3.49 -4.58 1.40
CA PHE A 64 3.83 -3.95 2.68
C PHE A 64 2.55 -3.60 3.39
N ALA A 65 2.54 -3.75 4.70
CA ALA A 65 1.34 -3.50 5.48
C ALA A 65 1.73 -3.07 6.86
N VAL A 66 0.75 -2.53 7.59
CA VAL A 66 0.94 -2.06 8.94
C VAL A 66 -0.26 -2.53 9.80
N ARG A 67 -0.03 -2.99 11.02
CA ARG A 67 -1.11 -3.41 11.92
C ARG A 67 -2.14 -4.26 11.18
N GLU A 68 -3.45 -3.96 11.24
CA GLU A 68 -4.46 -4.79 10.56
C GLU A 68 -4.38 -4.52 9.06
N HIS A 69 -4.34 -5.59 8.27
CA HIS A 69 -4.17 -5.44 6.85
C HIS A 69 -4.91 -6.43 5.97
N GLY A 70 -5.99 -6.98 6.49
CA GLY A 70 -6.84 -7.79 5.62
C GLY A 70 -6.71 -9.28 5.84
N ASP A 71 -6.00 -9.67 6.89
CA ASP A 71 -5.88 -11.07 7.30
C ASP A 71 -5.96 -11.17 8.84
N PHE A 72 -5.91 -12.38 9.41
CA PHE A 72 -6.17 -12.54 10.85
C PHE A 72 -4.94 -12.30 11.68
N TYR A 73 -3.88 -11.78 11.06
CA TYR A 73 -2.60 -11.71 11.71
C TYR A 73 -2.01 -10.30 11.62
N PRO A 74 -2.56 -9.37 12.38
CA PRO A 74 -2.08 -8.00 12.29
C PRO A 74 -0.59 -7.90 12.65
N PHE A 75 0.12 -7.03 11.97
CA PHE A 75 1.49 -6.74 12.38
C PHE A 75 1.49 -5.97 13.71
N ASP A 76 2.68 -5.84 14.30
CA ASP A 76 2.82 -5.44 15.70
C ASP A 76 3.64 -4.15 15.96
N GLY A 77 3.73 -3.27 14.98
CA GLY A 77 4.55 -2.09 15.13
C GLY A 77 6.03 -2.36 15.00
N PRO A 78 6.85 -1.41 15.41
CA PRO A 78 8.29 -1.53 15.21
C PRO A 78 8.90 -2.74 15.87
N GLY A 79 9.77 -3.41 15.15
CA GLY A 79 10.49 -4.56 15.66
C GLY A 79 9.64 -5.81 15.78
N ASN A 80 10.26 -6.84 16.34
CA ASN A 80 9.61 -8.12 16.63
C ASN A 80 9.23 -8.78 15.32
N VAL A 81 7.94 -8.94 15.04
CA VAL A 81 7.58 -9.57 13.76
C VAL A 81 7.91 -8.60 12.65
N LEU A 82 8.70 -9.07 11.67
CA LEU A 82 9.16 -8.19 10.59
C LEU A 82 8.32 -8.37 9.32
N ALA A 83 7.77 -9.55 9.17
CA ALA A 83 7.09 -9.97 7.93
C ALA A 83 6.48 -11.34 8.20
N HIS A 84 5.58 -11.79 7.32
CA HIS A 84 5.06 -13.16 7.44
C HIS A 84 4.63 -13.66 6.09
N ALA A 85 4.60 -14.99 5.92
CA ALA A 85 4.27 -15.53 4.61
C ALA A 85 3.58 -16.85 4.82
N TYR A 86 2.71 -17.14 3.88
CA TYR A 86 1.87 -18.34 3.94
C TYR A 86 2.46 -19.47 3.11
N ALA A 87 2.20 -20.69 3.56
CA ALA A 87 2.72 -21.90 2.92
C ALA A 87 2.05 -22.06 1.55
N PRO A 88 2.60 -22.90 0.67
CA PRO A 88 1.99 -23.09 -0.67
C PRO A 88 0.51 -23.44 -0.72
N GLY A 89 -0.12 -23.00 -1.79
CA GLY A 89 -1.58 -23.19 -1.93
C GLY A 89 -2.23 -22.04 -2.65
N PRO A 90 -3.53 -22.12 -2.84
CA PRO A 90 -4.29 -21.09 -3.54
C PRO A 90 -4.59 -19.86 -2.67
N GLY A 91 -4.96 -18.78 -3.36
CA GLY A 91 -5.44 -17.59 -2.67
C GLY A 91 -4.34 -16.99 -1.80
N ILE A 92 -4.65 -16.76 -0.54
CA ILE A 92 -3.66 -16.10 0.34
C ILE A 92 -2.44 -17.00 0.53
N ASN A 93 -2.56 -18.31 0.29
CA ASN A 93 -1.42 -19.19 0.45
C ASN A 93 -0.33 -18.74 -0.53
N GLY A 94 0.91 -18.86 -0.10
CA GLY A 94 2.07 -18.37 -0.85
C GLY A 94 2.37 -16.92 -0.67
N ASP A 95 1.41 -16.12 -0.20
CA ASP A 95 1.61 -14.65 -0.19
C ASP A 95 2.55 -14.24 0.95
N ALA A 96 3.18 -13.07 0.77
CA ALA A 96 4.20 -12.59 1.73
C ALA A 96 3.86 -11.12 2.01
N HIS A 97 3.83 -10.83 3.30
CA HIS A 97 3.47 -9.49 3.81
C HIS A 97 4.61 -8.97 4.66
N PHE A 98 4.97 -7.69 4.46
CA PHE A 98 6.14 -7.10 5.13
C PHE A 98 5.68 -5.95 6.00
N ASP A 99 6.13 -5.92 7.26
CA ASP A 99 5.62 -4.88 8.20
C ASP A 99 6.31 -3.55 7.93
N ASP A 100 5.54 -2.54 7.51
CA ASP A 100 6.17 -1.30 7.17
C ASP A 100 6.42 -0.46 8.41
N ASP A 101 6.14 -1.01 9.58
CA ASP A 101 6.61 -0.34 10.79
C ASP A 101 8.12 -0.62 11.01
N GLU A 102 8.70 -1.48 10.15
CA GLU A 102 10.16 -1.60 10.09
C GLU A 102 10.68 -0.59 9.08
N GLN A 103 11.95 -0.23 9.23
CA GLN A 103 12.66 0.61 8.28
C GLN A 103 13.44 -0.31 7.33
N TRP A 104 12.86 -0.54 6.15
CA TRP A 104 13.45 -1.45 5.17
C TRP A 104 14.64 -0.77 4.51
N THR A 105 15.77 -1.49 4.51
CA THR A 105 16.96 -0.92 3.89
C THR A 105 17.64 -1.86 2.87
N LYS A 106 18.48 -1.27 2.04
CA LYS A 106 19.25 -2.01 1.08
C LYS A 106 20.48 -2.63 1.72
N ASP A 107 20.92 -2.03 2.83
CA ASP A 107 22.07 -2.49 3.59
C ASP A 107 21.65 -2.97 4.93
N THR A 108 22.57 -2.99 5.88
CA THR A 108 22.18 -3.44 7.21
C THR A 108 21.86 -2.34 8.22
N THR A 109 21.65 -1.12 7.75
CA THR A 109 21.40 -0.03 8.70
C THR A 109 20.01 -0.08 9.31
N GLY A 110 19.10 -0.81 8.68
CA GLY A 110 17.76 -0.98 9.21
C GLY A 110 17.46 -2.47 9.07
N THR A 111 16.25 -2.81 8.64
CA THR A 111 15.93 -4.21 8.42
C THR A 111 16.17 -4.47 6.94
N ASN A 112 17.03 -5.45 6.63
CA ASN A 112 17.41 -5.65 5.23
C ASN A 112 16.29 -6.40 4.49
N LEU A 113 15.75 -5.76 3.47
CA LEU A 113 14.63 -6.30 2.71
C LEU A 113 14.99 -7.61 2.02
N PHE A 114 16.15 -7.65 1.36
CA PHE A 114 16.54 -8.86 0.67
C PHE A 114 16.58 -10.08 1.64
N LEU A 115 17.25 -9.92 2.79
CA LEU A 115 17.35 -11.08 3.70
C LEU A 115 16.00 -11.54 4.19
N VAL A 116 15.17 -10.58 4.58
CA VAL A 116 13.86 -10.99 5.10
C VAL A 116 12.99 -11.55 3.97
N ALA A 117 13.06 -10.98 2.78
CA ALA A 117 12.25 -11.50 1.65
C ALA A 117 12.75 -12.92 1.32
N ALA A 118 14.06 -13.15 1.35
CA ALA A 118 14.57 -14.50 1.03
C ALA A 118 14.04 -15.55 2.01
N HIS A 119 14.04 -15.19 3.30
CA HIS A 119 13.54 -16.06 4.34
C HIS A 119 12.03 -16.24 4.12
N GLU A 120 11.29 -15.16 3.90
CA GLU A 120 9.84 -15.35 3.76
C GLU A 120 9.45 -16.17 2.55
N ILE A 121 10.14 -15.96 1.44
CA ILE A 121 9.89 -16.75 0.21
C ILE A 121 10.16 -18.22 0.53
N GLY A 122 11.12 -18.53 1.41
CA GLY A 122 11.31 -19.90 1.84
C GLY A 122 9.97 -20.44 2.36
N HIS A 123 9.32 -19.69 3.23
CA HIS A 123 8.01 -20.11 3.71
C HIS A 123 7.00 -20.25 2.58
N SER A 124 6.93 -19.27 1.70
CA SER A 124 6.03 -19.35 0.52
C SER A 124 6.22 -20.60 -0.32
N LEU A 125 7.42 -21.17 -0.25
CA LEU A 125 7.78 -22.36 -1.06
C LEU A 125 7.61 -23.66 -0.29
N GLY A 126 7.32 -23.55 1.01
CA GLY A 126 7.03 -24.72 1.83
C GLY A 126 8.03 -25.12 2.87
N LEU A 127 9.03 -24.28 3.16
CA LEU A 127 9.94 -24.61 4.26
C LEU A 127 9.49 -23.89 5.51
N PHE A 128 9.45 -24.63 6.61
CA PHE A 128 9.19 -24.08 7.93
C PHE A 128 10.55 -23.71 8.57
N HIS A 129 10.60 -23.46 9.89
CA HIS A 129 11.87 -23.01 10.50
C HIS A 129 12.88 -24.13 10.72
N SER A 130 14.13 -23.82 10.50
CA SER A 130 15.21 -24.76 10.71
C SER A 130 15.74 -24.62 12.14
N ALA A 131 16.42 -25.65 12.61
CA ALA A 131 17.09 -25.61 13.90
C ALA A 131 18.56 -25.20 13.76
N ASN A 132 19.07 -25.20 12.54
CA ASN A 132 20.45 -24.77 12.28
C ASN A 132 20.63 -23.26 12.35
N THR A 133 21.44 -22.76 13.28
CA THR A 133 21.66 -21.31 13.38
C THR A 133 22.27 -20.59 12.21
N GLU A 134 22.86 -21.31 11.26
CA GLU A 134 23.41 -20.63 10.12
C GLU A 134 22.45 -20.65 8.94
N ALA A 135 21.34 -21.39 9.09
CA ALA A 135 20.37 -21.48 7.96
C ALA A 135 19.58 -20.18 7.76
N LEU A 136 19.28 -19.87 6.51
CA LEU A 136 18.41 -18.75 6.18
C LEU A 136 17.06 -18.96 6.88
N MET A 137 16.57 -20.19 6.96
CA MET A 137 15.28 -20.50 7.58
C MET A 137 15.28 -20.59 9.12
N TYR A 138 16.44 -20.36 9.74
CA TYR A 138 16.47 -20.20 11.20
C TYR A 138 15.69 -18.92 11.44
N PRO A 139 14.93 -18.85 12.51
CA PRO A 139 14.15 -17.61 12.65
C PRO A 139 14.97 -16.31 12.42
N LEU A 140 16.27 -16.31 12.74
CA LEU A 140 17.19 -15.18 12.43
C LEU A 140 18.13 -15.47 11.24
N LEU A 147 26.47 -8.61 4.72
CA LEU A 147 25.69 -9.01 3.53
C LEU A 147 26.56 -9.61 2.46
N THR A 148 27.82 -9.16 2.37
CA THR A 148 28.75 -9.66 1.37
C THR A 148 29.09 -11.12 1.66
N ARG A 149 28.82 -11.55 2.88
CA ARG A 149 29.08 -12.94 3.25
C ARG A 149 27.88 -13.89 3.10
N PHE A 150 26.76 -13.39 2.57
CA PHE A 150 25.58 -14.28 2.47
C PHE A 150 25.64 -15.49 1.51
N ARG A 151 25.26 -16.67 2.01
CA ARG A 151 25.23 -17.85 1.17
C ARG A 151 24.12 -18.73 1.74
N LEU A 152 23.27 -19.27 0.89
CA LEU A 152 22.25 -20.22 1.34
C LEU A 152 22.94 -21.40 2.04
N SER A 153 22.48 -21.84 3.19
CA SER A 153 23.21 -22.93 3.86
C SER A 153 22.85 -24.25 3.20
N GLN A 154 23.70 -25.27 3.41
CA GLN A 154 23.34 -26.58 2.89
C GLN A 154 22.04 -27.10 3.46
N ASP A 155 21.73 -26.75 4.71
CA ASP A 155 20.49 -27.16 5.29
C ASP A 155 19.29 -26.62 4.48
N ASP A 156 19.39 -25.34 4.11
CA ASP A 156 18.32 -24.74 3.30
C ASP A 156 18.23 -25.42 1.93
N ILE A 157 19.38 -25.76 1.35
CA ILE A 157 19.35 -26.42 0.06
C ILE A 157 18.76 -27.80 0.18
N ASN A 158 19.20 -28.53 1.20
CA ASN A 158 18.68 -29.86 1.45
C ASN A 158 17.16 -29.80 1.59
N GLY A 159 16.70 -28.80 2.34
CA GLY A 159 15.26 -28.77 2.54
C GLY A 159 14.48 -28.39 1.30
N ILE A 160 14.91 -27.38 0.56
CA ILE A 160 14.16 -26.98 -0.60
C ILE A 160 14.24 -28.07 -1.70
N GLN A 161 15.36 -28.77 -1.77
CA GLN A 161 15.47 -29.84 -2.74
C GLN A 161 14.67 -31.07 -2.31
N SER A 162 14.42 -31.22 -1.02
CA SER A 162 13.56 -32.32 -0.60
C SER A 162 12.16 -32.17 -1.13
N LEU A 163 11.77 -30.92 -1.39
CA LEU A 163 10.45 -30.63 -1.95
C LEU A 163 10.41 -30.60 -3.47
N TYR A 164 11.43 -30.00 -4.09
CA TYR A 164 11.38 -29.74 -5.54
C TYR A 164 12.48 -30.36 -6.39
N GLY A 165 13.45 -31.00 -5.74
CA GLY A 165 14.58 -31.60 -6.43
C GLY A 165 15.61 -30.55 -6.71
N PRO A 166 16.76 -30.99 -7.21
CA PRO A 166 17.83 -30.08 -7.59
C PRO A 166 17.59 -29.54 -8.97
N PRO A 167 18.36 -28.56 -9.37
CA PRO A 167 18.20 -28.00 -10.71
C PRO A 167 18.50 -29.08 -11.70
N PRO A 168 17.81 -28.98 -12.83
CA PRO A 168 17.95 -29.93 -13.92
C PRO A 168 19.30 -29.75 -14.58
N PHE B 1 -24.55 21.50 -2.04
CA PHE B 1 -23.57 20.71 -1.23
C PHE B 1 -24.17 20.04 0.02
N ARG B 2 -23.57 18.93 0.47
CA ARG B 2 -23.97 18.34 1.77
C ARG B 2 -22.79 17.99 2.66
N THR B 3 -23.11 17.73 3.94
CA THR B 3 -22.15 17.30 4.94
C THR B 3 -22.58 15.95 5.55
N PHE B 4 -21.74 15.36 6.40
CA PHE B 4 -22.03 14.08 7.06
C PHE B 4 -22.91 14.29 8.28
N PRO B 5 -23.62 13.23 8.72
CA PRO B 5 -24.51 13.33 9.87
C PRO B 5 -23.81 13.82 11.12
N GLY B 6 -24.37 14.86 11.74
CA GLY B 6 -23.79 15.49 12.92
C GLY B 6 -22.72 16.47 12.48
N ILE B 7 -22.65 16.67 11.17
CA ILE B 7 -21.67 17.57 10.59
C ILE B 7 -20.31 17.49 11.29
N PRO B 8 -19.64 16.34 11.23
CA PRO B 8 -18.31 16.20 11.82
C PRO B 8 -17.33 17.10 11.08
N LYS B 9 -16.48 17.80 11.81
CA LYS B 9 -15.48 18.65 11.16
C LYS B 9 -14.30 18.71 12.09
N TRP B 10 -13.14 19.00 11.53
CA TRP B 10 -11.95 19.16 12.33
C TRP B 10 -12.03 20.40 13.23
N ARG B 11 -11.53 20.26 14.44
CA ARG B 11 -11.51 21.37 15.39
C ARG B 11 -10.29 22.25 15.20
N LYS B 12 -9.23 21.68 14.64
CA LYS B 12 -8.01 22.44 14.41
C LYS B 12 -7.93 22.94 12.96
N THR B 13 -7.09 23.94 12.71
CA THR B 13 -6.97 24.53 11.37
C THR B 13 -5.80 23.95 10.61
N HIS B 14 -4.86 23.35 11.32
CA HIS B 14 -3.69 22.77 10.68
C HIS B 14 -3.80 21.27 10.85
N LEU B 15 -3.71 20.55 9.72
CA LEU B 15 -3.85 19.09 9.70
C LEU B 15 -2.59 18.49 9.17
N THR B 16 -2.30 17.24 9.59
CA THR B 16 -1.19 16.54 9.02
C THR B 16 -1.72 15.39 8.15
N TYR B 17 -0.88 15.07 7.18
CA TYR B 17 -1.16 13.89 6.34
C TYR B 17 0.09 13.04 6.23
N ARG B 18 -0.11 11.81 5.80
CA ARG B 18 1.00 10.90 5.63
C ARG B 18 0.65 9.93 4.51
N ILE B 19 1.56 9.76 3.54
CA ILE B 19 1.36 8.77 2.46
C ILE B 19 2.06 7.50 2.93
N VAL B 20 1.22 6.52 3.24
CA VAL B 20 1.66 5.32 3.94
C VAL B 20 2.32 4.30 3.05
N ASN B 21 1.88 4.29 1.79
CA ASN B 21 2.42 3.36 0.81
C ASN B 21 2.25 3.96 -0.57
N TYR B 22 2.73 3.22 -1.57
CA TYR B 22 2.78 3.74 -2.92
C TYR B 22 2.30 2.70 -3.93
N THR B 23 1.62 3.18 -4.94
CA THR B 23 1.09 2.34 -6.02
C THR B 23 2.18 1.94 -7.02
N PRO B 24 2.08 0.76 -7.58
CA PRO B 24 3.02 0.42 -8.66
C PRO B 24 2.74 1.27 -9.90
N ASP B 25 1.59 1.95 -9.96
CA ASP B 25 1.13 2.56 -11.26
C ASP B 25 1.93 3.80 -11.67
N LEU B 26 2.57 4.48 -10.72
CA LEU B 26 3.19 5.78 -10.95
C LEU B 26 4.50 5.86 -10.15
N PRO B 27 5.43 6.72 -10.55
CA PRO B 27 6.61 7.00 -9.71
C PRO B 27 6.14 7.64 -8.37
N LYS B 28 6.91 7.40 -7.32
CA LYS B 28 6.57 8.00 -6.03
C LYS B 28 6.38 9.48 -6.10
N ASP B 29 7.24 10.18 -6.85
CA ASP B 29 7.13 11.62 -6.94
C ASP B 29 5.80 12.10 -7.53
N ALA B 30 5.27 11.34 -8.48
CA ALA B 30 4.00 11.73 -9.09
C ALA B 30 2.85 11.55 -8.11
N VAL B 31 2.93 10.50 -7.28
CA VAL B 31 1.94 10.31 -6.20
C VAL B 31 2.00 11.48 -5.22
N ASP B 32 3.21 11.82 -4.80
CA ASP B 32 3.34 12.93 -3.86
C ASP B 32 2.81 14.24 -4.47
N SER B 33 3.14 14.51 -5.73
CA SER B 33 2.65 15.74 -6.36
C SER B 33 1.13 15.79 -6.48
N ALA B 34 0.51 14.67 -6.87
CA ALA B 34 -0.95 14.65 -7.01
C ALA B 34 -1.59 14.90 -5.65
N VAL B 35 -1.07 14.25 -4.61
CA VAL B 35 -1.61 14.47 -3.26
C VAL B 35 -1.43 15.94 -2.82
N GLU B 36 -0.22 16.47 -2.96
CA GLU B 36 0.02 17.89 -2.63
C GLU B 36 -0.97 18.79 -3.34
N LYS B 37 -1.12 18.57 -4.64
CA LYS B 37 -2.05 19.40 -5.39
C LYS B 37 -3.49 19.27 -4.88
N ALA B 38 -3.89 18.07 -4.51
CA ALA B 38 -5.26 17.83 -4.06
C ALA B 38 -5.50 18.55 -2.75
N LEU B 39 -4.50 18.53 -1.88
CA LEU B 39 -4.60 19.26 -0.63
C LEU B 39 -4.67 20.77 -0.89
N LYS B 40 -3.85 21.27 -1.82
CA LYS B 40 -3.82 22.69 -2.11
C LYS B 40 -5.17 23.22 -2.59
N VAL B 41 -5.94 22.42 -3.32
CA VAL B 41 -7.26 22.85 -3.80
C VAL B 41 -8.09 23.37 -2.62
N TRP B 42 -8.01 22.67 -1.50
CA TRP B 42 -8.83 23.02 -0.34
C TRP B 42 -8.20 24.09 0.51
N GLU B 43 -6.89 24.08 0.62
CA GLU B 43 -6.16 25.13 1.33
C GLU B 43 -6.48 26.49 0.74
N GLU B 44 -6.59 26.56 -0.58
CA GLU B 44 -6.80 27.84 -1.29
C GLU B 44 -8.08 28.55 -0.97
N VAL B 45 -9.07 27.82 -0.45
CA VAL B 45 -10.36 28.46 -0.21
C VAL B 45 -10.84 28.37 1.25
N THR B 46 -9.93 28.00 2.18
CA THR B 46 -10.26 27.92 3.61
C THR B 46 -9.05 28.36 4.39
N PRO B 47 -9.15 28.38 5.70
CA PRO B 47 -7.99 28.64 6.54
C PRO B 47 -7.12 27.41 6.83
N LEU B 48 -7.51 26.27 6.26
CA LEU B 48 -6.81 25.04 6.58
C LEU B 48 -5.46 24.97 5.93
N THR B 49 -4.45 24.45 6.66
CA THR B 49 -3.15 24.16 6.06
C THR B 49 -2.80 22.73 6.42
N PHE B 50 -1.96 22.12 5.60
CA PHE B 50 -1.54 20.73 5.77
C PHE B 50 -0.02 20.62 5.81
N SER B 51 0.51 19.71 6.65
CA SER B 51 1.92 19.39 6.61
C SER B 51 2.07 17.88 6.60
N ARG B 52 3.13 17.43 5.95
CA ARG B 52 3.44 16.01 5.77
C ARG B 52 4.24 15.42 6.92
N LEU B 53 3.82 14.22 7.33
CA LEU B 53 4.54 13.40 8.31
C LEU B 53 5.09 12.19 7.58
N TYR B 54 6.23 11.68 8.05
CA TYR B 54 6.91 10.53 7.45
C TYR B 54 6.94 9.34 8.38
N GLU B 55 6.47 9.55 9.61
CA GLU B 55 6.35 8.46 10.57
C GLU B 55 5.25 8.84 11.55
N GLY B 56 4.73 7.89 12.30
CA GLY B 56 3.69 8.18 13.27
C GLY B 56 2.33 8.40 12.62
N GLU B 57 1.35 8.82 13.42
CA GLU B 57 0.02 8.98 12.92
C GLU B 57 -0.26 10.41 12.50
N ALA B 58 -0.75 10.58 11.27
CA ALA B 58 -1.13 11.88 10.78
C ALA B 58 -2.66 11.92 10.83
N ASP B 59 -3.29 13.11 10.83
CA ASP B 59 -4.73 13.13 10.82
C ASP B 59 -5.34 12.38 9.62
N ILE B 60 -4.78 12.65 8.44
CA ILE B 60 -5.25 12.02 7.20
C ILE B 60 -4.17 11.04 6.71
N MET B 61 -4.39 9.76 6.99
CA MET B 61 -3.50 8.69 6.56
C MET B 61 -3.98 8.26 5.20
N ILE B 62 -3.08 8.35 4.23
CA ILE B 62 -3.38 8.08 2.81
C ILE B 62 -2.71 6.78 2.35
N SER B 63 -3.46 5.84 1.77
CA SER B 63 -2.85 4.58 1.33
C SER B 63 -3.57 4.04 0.10
N PHE B 64 -2.87 3.15 -0.61
CA PHE B 64 -3.43 2.37 -1.72
C PHE B 64 -3.76 1.00 -1.15
N ALA B 65 -4.84 0.43 -1.61
CA ALA B 65 -5.31 -0.83 -1.06
C ALA B 65 -6.03 -1.65 -2.10
N VAL B 66 -6.09 -2.99 -1.91
CA VAL B 66 -6.77 -3.89 -2.84
C VAL B 66 -7.69 -4.80 -2.00
N ARG B 67 -8.94 -4.97 -2.44
CA ARG B 67 -9.88 -5.88 -1.80
C ARG B 67 -9.86 -5.68 -0.27
N GLU B 68 -9.72 -6.74 0.52
CA GLU B 68 -9.72 -6.57 1.99
C GLU B 68 -8.39 -5.97 2.43
N HIS B 69 -8.49 -4.91 3.24
CA HIS B 69 -7.32 -4.18 3.63
C HIS B 69 -7.32 -3.67 5.05
N GLY B 70 -8.10 -4.29 5.93
CA GLY B 70 -7.97 -3.95 7.35
C GLY B 70 -8.96 -2.96 7.86
N ASP B 71 -9.96 -2.65 7.06
CA ASP B 71 -11.04 -1.77 7.57
C ASP B 71 -12.40 -2.46 7.27
N PHE B 72 -13.51 -1.75 7.46
CA PHE B 72 -14.84 -2.41 7.32
C PHE B 72 -15.29 -2.56 5.90
N TYR B 73 -14.56 -1.98 4.92
CA TYR B 73 -15.12 -1.83 3.61
C TYR B 73 -14.13 -2.27 2.56
N PRO B 74 -14.11 -3.54 2.21
CA PRO B 74 -13.18 -4.01 1.20
C PRO B 74 -13.40 -3.32 -0.14
N PHE B 75 -12.29 -3.11 -0.86
CA PHE B 75 -12.45 -2.64 -2.23
C PHE B 75 -13.03 -3.75 -3.09
N ASP B 76 -13.35 -3.41 -4.34
CA ASP B 76 -14.24 -4.25 -5.15
C ASP B 76 -13.69 -4.65 -6.49
N GLY B 77 -12.37 -4.61 -6.64
CA GLY B 77 -11.70 -4.95 -7.89
C GLY B 77 -11.69 -3.81 -8.91
N PRO B 78 -11.21 -4.06 -10.11
CA PRO B 78 -11.20 -3.02 -11.15
C PRO B 78 -12.57 -2.41 -11.42
N GLY B 79 -12.59 -1.09 -11.48
CA GLY B 79 -13.80 -0.34 -11.75
C GLY B 79 -14.67 -0.18 -10.54
N ASN B 80 -15.87 0.29 -10.76
CA ASN B 80 -16.82 0.56 -9.70
C ASN B 80 -16.19 1.46 -8.65
N VAL B 81 -16.15 1.06 -7.37
CA VAL B 81 -15.62 2.02 -6.39
C VAL B 81 -14.12 2.27 -6.60
N LEU B 82 -13.74 3.54 -6.67
CA LEU B 82 -12.35 3.89 -6.97
C LEU B 82 -11.51 4.15 -5.73
N ALA B 83 -12.21 4.63 -4.70
CA ALA B 83 -11.54 5.11 -3.48
C ALA B 83 -12.59 5.36 -2.42
N HIS B 84 -12.15 5.52 -1.18
CA HIS B 84 -13.06 5.94 -0.14
C HIS B 84 -12.32 6.66 0.95
N ALA B 85 -13.06 7.49 1.70
CA ALA B 85 -12.45 8.27 2.76
C ALA B 85 -13.44 8.44 3.89
N TYR B 86 -12.89 8.75 5.04
CA TYR B 86 -13.70 8.83 6.23
C TYR B 86 -13.90 10.28 6.69
N ALA B 87 -15.06 10.57 7.25
CA ALA B 87 -15.35 11.95 7.73
C ALA B 87 -14.37 12.33 8.85
N PRO B 88 -14.26 13.63 9.17
CA PRO B 88 -13.29 14.03 10.19
C PRO B 88 -13.51 13.39 11.57
N GLY B 89 -12.41 13.17 12.26
CA GLY B 89 -12.46 12.58 13.60
C GLY B 89 -11.15 11.86 13.85
N PRO B 90 -11.03 11.19 14.96
CA PRO B 90 -9.78 10.52 15.31
C PRO B 90 -9.59 9.12 14.68
N GLY B 91 -8.38 8.59 14.73
CA GLY B 91 -8.18 7.23 14.23
C GLY B 91 -8.37 7.11 12.72
N ILE B 92 -9.15 6.12 12.33
CA ILE B 92 -9.45 5.92 10.91
C ILE B 92 -10.19 7.10 10.32
N ASN B 93 -10.90 7.87 11.12
CA ASN B 93 -11.58 9.02 10.56
C ASN B 93 -10.60 9.97 9.91
N GLY B 94 -11.08 10.63 8.86
CA GLY B 94 -10.23 11.48 8.02
C GLY B 94 -9.36 10.72 7.02
N ASP B 95 -9.11 9.41 7.18
CA ASP B 95 -8.21 8.69 6.30
C ASP B 95 -8.77 8.47 4.89
N ALA B 96 -7.85 8.25 3.94
CA ALA B 96 -8.27 8.12 2.56
C ALA B 96 -7.54 6.96 1.96
N HIS B 97 -8.32 6.06 1.34
CA HIS B 97 -7.77 4.85 0.71
C HIS B 97 -8.16 4.80 -0.76
N PHE B 98 -7.20 4.39 -1.59
CA PHE B 98 -7.37 4.34 -3.02
C PHE B 98 -7.27 2.90 -3.53
N ASP B 99 -8.24 2.48 -4.36
CA ASP B 99 -8.29 1.09 -4.82
C ASP B 99 -7.19 0.90 -5.87
N ASP B 100 -6.21 0.07 -5.59
CA ASP B 100 -5.13 -0.12 -6.57
C ASP B 100 -5.52 -1.08 -7.69
N ASP B 101 -6.75 -1.56 -7.66
CA ASP B 101 -7.23 -2.30 -8.83
C ASP B 101 -7.61 -1.35 -9.93
N GLU B 102 -7.57 -0.04 -9.64
CA GLU B 102 -7.65 0.95 -10.72
C GLU B 102 -6.26 1.27 -11.17
N GLN B 103 -6.18 1.86 -12.36
CA GLN B 103 -4.91 2.33 -12.86
C GLN B 103 -4.79 3.83 -12.68
N TRP B 104 -4.01 4.21 -11.69
CA TRP B 104 -3.85 5.63 -11.30
C TRP B 104 -2.94 6.34 -12.26
N THR B 105 -3.38 7.48 -12.79
CA THR B 105 -2.56 8.21 -13.76
C THR B 105 -2.44 9.71 -13.42
N LYS B 106 -1.43 10.32 -14.06
CA LYS B 106 -1.16 11.77 -13.99
C LYS B 106 -2.11 12.50 -14.96
N ASP B 107 -2.60 11.80 -15.98
CA ASP B 107 -3.50 12.38 -16.99
C ASP B 107 -4.82 11.64 -16.99
N THR B 108 -5.53 11.64 -18.13
CA THR B 108 -6.81 10.93 -18.20
C THR B 108 -6.73 9.55 -18.84
N THR B 109 -5.54 8.99 -18.96
CA THR B 109 -5.45 7.66 -19.56
C THR B 109 -5.91 6.54 -18.65
N GLY B 110 -6.01 6.79 -17.34
CA GLY B 110 -6.54 5.80 -16.41
C GLY B 110 -7.53 6.52 -15.50
N THR B 111 -7.44 6.29 -14.19
CA THR B 111 -8.22 7.06 -13.24
C THR B 111 -7.27 8.13 -12.68
N ASN B 112 -7.67 9.41 -12.82
CA ASN B 112 -6.78 10.48 -12.39
C ASN B 112 -6.64 10.57 -10.88
N LEU B 113 -5.41 10.42 -10.43
CA LEU B 113 -5.14 10.36 -8.98
C LEU B 113 -5.43 11.73 -8.34
N PHE B 114 -4.93 12.82 -8.95
CA PHE B 114 -5.25 14.15 -8.43
C PHE B 114 -6.75 14.40 -8.22
N LEU B 115 -7.56 14.11 -9.25
CA LEU B 115 -8.98 14.45 -9.14
C LEU B 115 -9.66 13.58 -8.09
N VAL B 116 -9.36 12.28 -8.08
CA VAL B 116 -9.95 11.43 -7.07
C VAL B 116 -9.46 11.81 -5.68
N ALA B 117 -8.19 12.13 -5.54
CA ALA B 117 -7.69 12.51 -4.23
C ALA B 117 -8.33 13.81 -3.77
N ALA B 118 -8.55 14.77 -4.69
CA ALA B 118 -9.19 16.02 -4.25
C ALA B 118 -10.62 15.74 -3.77
N HIS B 119 -11.34 14.89 -4.49
CA HIS B 119 -12.68 14.48 -4.06
C HIS B 119 -12.66 13.80 -2.69
N GLU B 120 -11.77 12.83 -2.51
CA GLU B 120 -11.70 12.09 -1.26
C GLU B 120 -11.29 12.99 -0.12
N ILE B 121 -10.40 13.96 -0.34
CA ILE B 121 -10.02 14.84 0.76
C ILE B 121 -11.22 15.71 1.13
N GLY B 122 -12.07 15.98 0.16
CA GLY B 122 -13.31 16.68 0.48
C GLY B 122 -14.08 15.89 1.53
N HIS B 123 -14.18 14.56 1.35
CA HIS B 123 -14.84 13.74 2.36
C HIS B 123 -14.10 13.77 3.68
N SER B 124 -12.77 13.67 3.63
CA SER B 124 -11.96 13.70 4.83
C SER B 124 -12.14 15.01 5.60
N LEU B 125 -12.55 16.06 4.90
CA LEU B 125 -12.75 17.36 5.52
C LEU B 125 -14.19 17.60 5.96
N GLY B 126 -15.06 16.67 5.63
CA GLY B 126 -16.45 16.82 6.05
C GLY B 126 -17.49 17.05 5.00
N LEU B 127 -17.12 16.99 3.71
CA LEU B 127 -18.13 17.17 2.69
C LEU B 127 -18.62 15.84 2.18
N PHE B 128 -19.92 15.76 1.95
CA PHE B 128 -20.51 14.55 1.41
C PHE B 128 -20.82 14.87 -0.05
N HIS B 129 -21.67 14.08 -0.70
CA HIS B 129 -21.93 14.28 -2.14
C HIS B 129 -22.84 15.44 -2.51
N SER B 130 -22.52 16.09 -3.63
CA SER B 130 -23.27 17.19 -4.19
C SER B 130 -24.19 16.74 -5.32
N ALA B 131 -25.31 17.45 -5.50
CA ALA B 131 -26.26 17.09 -6.53
C ALA B 131 -25.94 17.93 -7.75
N ASN B 132 -24.92 18.76 -7.60
CA ASN B 132 -24.52 19.65 -8.64
C ASN B 132 -23.49 18.95 -9.52
N THR B 133 -23.72 18.90 -10.84
CA THR B 133 -22.83 18.12 -11.72
C THR B 133 -21.44 18.72 -12.00
N GLU B 134 -21.26 20.00 -11.74
CA GLU B 134 -19.94 20.54 -12.02
C GLU B 134 -19.11 20.49 -10.76
N ALA B 135 -19.70 20.07 -9.65
CA ALA B 135 -18.97 20.01 -8.37
C ALA B 135 -17.96 18.89 -8.33
N LEU B 136 -16.83 19.19 -7.71
CA LEU B 136 -15.85 18.17 -7.41
C LEU B 136 -16.51 17.08 -6.55
N MET B 137 -17.45 17.48 -5.69
CA MET B 137 -18.12 16.55 -4.78
C MET B 137 -19.31 15.82 -5.38
N TYR B 138 -19.55 16.00 -6.66
CA TYR B 138 -20.60 15.22 -7.28
C TYR B 138 -20.22 13.74 -7.16
N PRO B 139 -21.17 12.81 -7.02
CA PRO B 139 -20.83 11.43 -6.79
C PRO B 139 -20.36 10.62 -7.99
N LEU B 140 -20.22 11.23 -9.16
CA LEU B 140 -19.74 10.47 -10.33
C LEU B 140 -18.45 11.05 -10.85
N TYR B 141 -17.47 10.18 -11.10
CA TYR B 141 -16.13 10.59 -11.58
C TYR B 141 -16.14 11.34 -12.92
N LEU B 144 -13.44 13.26 -18.20
CA LEU B 144 -12.95 14.60 -18.45
C LEU B 144 -11.75 14.56 -19.41
N THR B 145 -11.40 15.69 -20.03
CA THR B 145 -10.25 15.71 -20.96
C THR B 145 -9.18 16.82 -20.76
N ASP B 146 -9.56 17.99 -20.26
CA ASP B 146 -8.58 19.05 -20.00
C ASP B 146 -8.45 19.35 -18.51
N LEU B 147 -7.36 18.94 -17.89
CA LEU B 147 -7.19 19.11 -16.44
C LEU B 147 -6.77 20.51 -16.05
N THR B 148 -6.41 21.27 -17.06
CA THR B 148 -5.96 22.65 -16.87
C THR B 148 -7.09 23.53 -16.37
N ARG B 149 -8.29 23.30 -16.92
CA ARG B 149 -9.47 24.08 -16.56
C ARG B 149 -9.97 23.75 -15.17
N PHE B 150 -9.30 22.85 -14.45
CA PHE B 150 -9.84 22.47 -13.14
C PHE B 150 -9.89 23.53 -12.05
N ARG B 151 -11.08 23.71 -11.52
CA ARG B 151 -11.28 24.60 -10.39
C ARG B 151 -12.46 24.10 -9.63
N LEU B 152 -12.44 24.29 -8.32
CA LEU B 152 -13.56 23.90 -7.49
C LEU B 152 -14.78 24.68 -7.97
N SER B 153 -15.94 24.04 -7.89
CA SER B 153 -17.21 24.70 -8.20
C SER B 153 -17.56 25.64 -7.05
N GLN B 154 -18.48 26.56 -7.30
CA GLN B 154 -18.87 27.46 -6.24
C GLN B 154 -19.58 26.68 -5.13
N ASP B 155 -20.27 25.63 -5.53
CA ASP B 155 -20.93 24.77 -4.56
C ASP B 155 -19.90 24.12 -3.62
N ASP B 156 -18.76 23.71 -4.19
CA ASP B 156 -17.72 23.08 -3.36
C ASP B 156 -17.16 24.11 -2.40
N ILE B 157 -16.96 25.31 -2.94
CA ILE B 157 -16.43 26.38 -2.10
C ILE B 157 -17.41 26.75 -0.99
N ASN B 158 -18.70 26.84 -1.34
CA ASN B 158 -19.70 27.19 -0.35
C ASN B 158 -19.78 26.14 0.76
N GLY B 159 -19.77 24.87 0.32
CA GLY B 159 -19.78 23.71 1.20
C GLY B 159 -18.62 23.73 2.18
N ILE B 160 -17.40 23.79 1.64
CA ILE B 160 -16.24 23.74 2.53
C ILE B 160 -16.13 24.98 3.40
N GLN B 161 -16.58 26.10 2.88
CA GLN B 161 -16.52 27.31 3.68
C GLN B 161 -17.63 27.32 4.74
N SER B 162 -18.71 26.57 4.53
CA SER B 162 -19.71 26.47 5.60
C SER B 162 -19.13 25.81 6.85
N LEU B 163 -18.10 24.97 6.67
CA LEU B 163 -17.50 24.29 7.80
C LEU B 163 -16.33 25.09 8.39
N TYR B 164 -15.51 25.71 7.52
CA TYR B 164 -14.28 26.29 7.97
C TYR B 164 -14.06 27.77 7.68
N GLY B 165 -14.93 28.34 6.86
CA GLY B 165 -14.85 29.75 6.45
C GLY B 165 -13.86 29.94 5.31
N PRO B 166 -13.78 31.13 4.77
CA PRO B 166 -12.78 31.43 3.74
C PRO B 166 -11.40 31.70 4.31
N PRO B 167 -10.40 31.83 3.45
CA PRO B 167 -9.04 32.13 3.93
C PRO B 167 -8.95 33.49 4.59
N PRO B 168 -8.23 33.57 5.68
CA PRO B 168 -8.17 34.82 6.44
C PRO B 168 -7.43 35.95 5.68
N ASP B 169 -6.58 35.64 4.71
CA ASP B 169 -5.87 36.69 3.98
C ASP B 169 -6.55 36.98 2.63
N SER B 170 -7.74 36.45 2.41
CA SER B 170 -8.42 36.66 1.14
C SER B 170 -9.56 37.62 1.36
N PRO B 171 -9.88 38.45 0.39
CA PRO B 171 -11.08 39.29 0.55
C PRO B 171 -12.28 38.45 0.14
N GLU B 172 -13.49 38.93 0.46
CA GLU B 172 -14.71 38.35 -0.05
C GLU B 172 -15.29 39.27 -1.13
N THR B 173 -15.76 38.71 -2.23
CA THR B 173 -16.44 39.51 -3.22
C THR B 173 -17.82 39.90 -2.75
ZN ZN C . 10.21 -17.49 9.41
ZN ZN D . -0.52 -10.55 6.63
CA CA E . 6.95 -5.41 13.53
CA CA F . 8.68 1.55 6.97
CA CA G . -1.20 -16.75 -3.27
ZN ZN H . -17.50 10.64 -2.90
ZN ZN I . -10.43 1.37 3.22
CA CA J . -12.71 -0.68 -7.66
CA CA K . -3.16 -0.03 -9.80
CA CA L . -7.19 9.71 10.73
C5 MBS M . -16.93 4.61 4.14
O6 MBS M . -16.96 4.59 2.71
C16 MBS M . -17.23 5.89 2.17
C12 MBS M . -17.42 5.92 0.65
C4 MBS M . -17.55 5.96 -0.55
C3 MBS M . -17.71 5.98 -2.01
C2 MBS M . -16.76 6.54 -3.07
C1 MBS M . -16.62 8.03 -3.00
O2 MBS M . -17.43 8.80 -3.48
O1 MBS M . -15.53 8.50 -2.42
N1 MBS M . -17.38 6.32 -4.36
S11 MBS M . -16.59 6.35 -5.87
O3 MBS M . -15.26 5.57 -5.82
O4 MBS M . -17.67 5.66 -6.82
C21 MBS M . -16.19 7.93 -6.42
C22 MBS M . -17.18 8.76 -6.95
C23 MBS M . -16.87 10.03 -7.44
C24 MBS M . -15.56 10.49 -7.41
C25 MBS M . -14.56 9.63 -6.91
C26 MBS M . -14.87 8.38 -6.39
C6 MBS M . -15.27 11.72 -7.97
C32 MBS M . -13.95 11.99 -8.31
C33 MBS M . -13.59 13.17 -8.92
C34 MBS M . -14.57 14.07 -9.27
C35 MBS M . -15.93 13.81 -8.98
C36 MBS M . -16.27 12.62 -8.35
O5 MBS M . -14.22 15.12 -9.82
C7 MBS M . -15.14 15.90 -10.52
#